data_4UO6
#
_entry.id   4UO6
#
_cell.length_a   96.926
_cell.length_b   96.926
_cell.length_c   349.576
_cell.angle_alpha   90.00
_cell.angle_beta   90.00
_cell.angle_gamma   120.00
#
_symmetry.space_group_name_H-M   'P 63 2 2'
#
loop_
_entity.id
_entity.type
_entity.pdbx_description
1 polymer 'H3 HAEMAGGLUTININ HA1 CHAIN'
2 polymer 'H3 HAEMAGGLUTININ HA2 CHAIN'
3 branched 2-acetamido-2-deoxy-beta-D-glucopyranose-(1-4)-2-acetamido-2-deoxy-beta-D-glucopyranose
4 branched beta-D-mannopyranose-(1-4)-2-acetamido-2-deoxy-beta-D-glucopyranose-(1-4)-2-acetamido-2-deoxy-beta-D-glucopyranose
5 branched alpha-D-mannopyranose-(1-3)-[alpha-D-mannopyranose-(1-6)]beta-D-mannopyranose-(1-4)-2-acetamido-2-deoxy-beta-D-glucopyranose-(1-4)-2-acetamido-2-deoxy-beta-D-glucopyranose
6 branched 'N-acetyl-alpha-neuraminic acid-(2-3)-beta-D-galactopyranose-(1-4)-[alpha-L-fucopyranose-(1-3)]2-acetamido-2-deoxy-beta-D-glucopyranose'
7 non-polymer 2-acetamido-2-deoxy-beta-D-glucopyranose
8 non-polymer 'SULFATE ION'
9 water water
#
loop_
_entity_poly.entity_id
_entity_poly.type
_entity_poly.pdbx_seq_one_letter_code
_entity_poly.pdbx_strand_id
1 'polypeptide(L)'
;QNPISGNNTATLCLGHHAVANGTLVKTMSDDQIEVTNATELVQSISMGKICNKSYRILDGRNCTLIDAMLGDPHCDAFQY
ESWDLFIERSNAFSNCYPYDIPDYASLRSIVASSGTVEFTAEGFTWTGVTQNGRSGACKRGSADSFFSRLNWLTKSGSSY
PTLNVTMPNNKNFDKLYIWGIHHPSSNQEQTKLYIQESGRVTVSTKRSQQTIIPNIGSRPLVRGQSGRISIYWTIVKPGD
ILMINSNGNLVAPRGYFKLNTGKSSVMRSDVPIDICVSECITPNGSISNDKPFQNVNKVTYGKCPKYIRQNTLKLATGMR
NVPEKQTR
;
A
2 'polypeptide(L)'
;GIFGAIAGFIENGWEGMVDGWYGFRYQNSEGTGQAADLKSTQAAIDQINGKLNRVIERTNEKFHQIEKEFSEVEGRIQDL
EKYVEDTKIDLWSYNAELLVALENQHTIDLTDAEMNKLFEKTRRQLRENAEDMGDGCFKIYHKCDNACIESIRTGTYDHY
IYRDEALNNRFQSGR
;
B
#
loop_
_chem_comp.id
_chem_comp.type
_chem_comp.name
_chem_comp.formula
BMA D-saccharide, beta linking beta-D-mannopyranose 'C6 H12 O6'
FUC L-saccharide, alpha linking alpha-L-fucopyranose 'C6 H12 O5'
GAL D-saccharide, beta linking beta-D-galactopyranose 'C6 H12 O6'
MAN D-saccharide, alpha linking alpha-D-mannopyranose 'C6 H12 O6'
NAG D-saccharide, beta linking 2-acetamido-2-deoxy-beta-D-glucopyranose 'C8 H15 N O6'
SIA D-saccharide, alpha linking 'N-acetyl-alpha-neuraminic acid' 'C11 H19 N O9'
SO4 non-polymer 'SULFATE ION' 'O4 S -2'
#
# COMPACT_ATOMS: atom_id res chain seq x y z
N ASN A 7 23.76 -41.07 -43.31
CA ASN A 7 23.37 -41.33 -44.73
C ASN A 7 23.80 -40.16 -45.63
N ASN A 8 23.39 -40.22 -46.91
CA ASN A 8 23.63 -39.10 -47.85
C ASN A 8 22.45 -38.12 -47.93
N THR A 9 21.63 -38.09 -46.88
CA THR A 9 20.51 -37.13 -46.73
C THR A 9 20.40 -36.74 -45.25
N ALA A 10 19.88 -35.54 -44.97
CA ALA A 10 19.86 -34.96 -43.61
C ALA A 10 18.47 -34.89 -42.95
N THR A 11 18.43 -34.84 -41.63
CA THR A 11 17.17 -34.65 -40.89
C THR A 11 17.26 -33.53 -39.85
N LEU A 12 16.33 -32.58 -39.92
CA LEU A 12 16.38 -31.36 -39.11
C LEU A 12 15.15 -31.22 -38.21
N CYS A 13 15.39 -31.12 -36.90
CA CYS A 13 14.31 -31.08 -35.92
C CYS A 13 14.23 -29.79 -35.14
N LEU A 14 12.99 -29.38 -34.86
CA LEU A 14 12.76 -28.15 -34.14
C LEU A 14 12.30 -28.49 -32.74
N GLY A 15 12.69 -27.64 -31.79
CA GLY A 15 12.32 -27.81 -30.40
C GLY A 15 12.36 -26.52 -29.59
N HIS A 16 12.05 -26.69 -28.32
CA HIS A 16 12.04 -25.62 -27.34
C HIS A 16 12.70 -26.16 -26.09
N HIS A 17 13.14 -25.29 -25.20
CA HIS A 17 13.85 -25.77 -24.03
C HIS A 17 12.94 -26.25 -22.89
N ALA A 18 13.54 -26.95 -21.94
CA ALA A 18 12.89 -27.32 -20.69
C ALA A 18 13.90 -27.11 -19.57
N VAL A 19 13.41 -27.02 -18.34
CA VAL A 19 14.30 -26.93 -17.19
C VAL A 19 14.08 -28.09 -16.22
N ALA A 20 15.04 -28.28 -15.32
CA ALA A 20 14.93 -29.30 -14.27
C ALA A 20 13.92 -28.89 -13.20
N ASN A 21 13.91 -27.61 -12.82
CA ASN A 21 13.04 -27.14 -11.75
C ASN A 21 11.82 -26.33 -12.23
N GLY A 22 10.90 -27.01 -12.90
CA GLY A 22 9.64 -26.36 -13.31
C GLY A 22 8.78 -26.00 -12.12
N THR A 23 7.77 -25.15 -12.33
CA THR A 23 6.87 -24.74 -11.26
C THR A 23 5.42 -24.57 -11.74
N LEU A 24 4.47 -24.85 -10.86
CA LEU A 24 3.06 -24.87 -11.27
C LEU A 24 2.41 -23.49 -11.24
N VAL A 25 1.62 -23.20 -12.27
CA VAL A 25 0.80 -21.97 -12.33
C VAL A 25 -0.65 -22.31 -12.67
N LYS A 26 -1.51 -21.29 -12.61
CA LYS A 26 -2.91 -21.44 -12.96
C LYS A 26 -3.26 -20.64 -14.21
N THR A 27 -3.95 -21.28 -15.16
CA THR A 27 -4.43 -20.60 -16.36
C THR A 27 -5.96 -20.58 -16.42
N MET A 28 -6.51 -20.12 -17.54
CA MET A 28 -7.94 -20.20 -17.78
C MET A 28 -8.36 -21.62 -18.09
N SER A 29 -7.40 -22.41 -18.58
CA SER A 29 -7.69 -23.75 -19.04
C SER A 29 -7.29 -24.82 -18.06
N ASP A 30 -6.39 -24.50 -17.15
CA ASP A 30 -5.89 -25.50 -16.19
C ASP A 30 -5.76 -24.97 -14.79
N ASP A 31 -6.06 -25.83 -13.81
CA ASP A 31 -5.90 -25.46 -12.39
C ASP A 31 -4.43 -25.36 -12.04
N GLN A 32 -3.67 -26.37 -12.46
CA GLN A 32 -2.24 -26.43 -12.26
C GLN A 32 -1.63 -26.87 -13.58
N ILE A 33 -0.60 -26.16 -14.01
CA ILE A 33 0.17 -26.52 -15.20
C ILE A 33 1.60 -26.03 -15.06
N GLU A 34 2.55 -26.89 -15.40
CA GLU A 34 3.96 -26.60 -15.19
C GLU A 34 4.56 -25.73 -16.29
N VAL A 35 5.27 -24.68 -15.87
CA VAL A 35 6.02 -23.80 -16.78
C VAL A 35 7.48 -23.66 -16.36
N THR A 36 8.30 -23.07 -17.24
CA THR A 36 9.75 -22.99 -17.04
C THR A 36 10.16 -22.00 -15.95
N ASN A 37 9.26 -21.06 -15.62
CA ASN A 37 9.54 -20.01 -14.62
C ASN A 37 8.28 -19.22 -14.23
N ALA A 38 8.19 -18.88 -12.95
CA ALA A 38 7.07 -18.11 -12.44
C ALA A 38 7.54 -17.09 -11.42
N THR A 39 6.76 -16.03 -11.23
CA THR A 39 7.11 -15.01 -10.26
C THR A 39 5.96 -14.77 -9.27
N GLU A 40 6.30 -14.48 -8.02
CA GLU A 40 5.29 -14.19 -6.99
C GLU A 40 4.80 -12.76 -7.17
N LEU A 41 3.48 -12.59 -7.10
CA LEU A 41 2.85 -11.30 -7.28
C LEU A 41 2.28 -10.71 -5.97
N VAL A 42 2.37 -11.46 -4.87
CA VAL A 42 1.81 -11.03 -3.59
C VAL A 42 2.91 -10.97 -2.53
N GLN A 43 3.05 -9.80 -1.92
CA GLN A 43 3.96 -9.62 -0.80
C GLN A 43 3.30 -10.09 0.49
N SER A 44 3.88 -11.10 1.13
CA SER A 44 3.30 -11.66 2.34
C SER A 44 4.26 -11.63 3.53
N ILE A 45 5.54 -11.42 3.26
CA ILE A 45 6.55 -11.22 4.30
C ILE A 45 6.74 -9.72 4.55
N SER A 46 6.58 -9.31 5.81
CA SER A 46 6.86 -7.96 6.26
C SER A 46 8.31 -7.89 6.73
N MET A 47 8.84 -6.69 6.97
CA MET A 47 10.25 -6.57 7.40
C MET A 47 10.43 -6.71 8.92
N GLY A 48 9.32 -6.82 9.66
CA GLY A 48 9.38 -6.93 11.11
C GLY A 48 9.65 -5.64 11.87
N LYS A 49 9.92 -4.56 11.14
CA LYS A 49 10.24 -3.27 11.75
C LYS A 49 9.84 -2.13 10.81
N ILE A 50 9.64 -0.94 11.37
CA ILE A 50 9.31 0.25 10.58
C ILE A 50 10.60 1.01 10.26
N CYS A 51 10.83 1.27 8.97
CA CYS A 51 12.05 1.94 8.54
C CYS A 51 11.98 3.45 8.75
N ASN A 52 12.95 3.98 9.48
CA ASN A 52 13.02 5.42 9.75
C ASN A 52 13.17 6.27 8.48
N LYS A 53 13.55 5.63 7.38
CA LYS A 53 13.54 6.27 6.05
C LYS A 53 12.68 5.41 5.11
N SER A 54 12.01 6.03 4.14
CA SER A 54 12.26 7.40 3.72
C SER A 54 11.32 8.46 4.30
N TYR A 55 10.16 8.06 4.81
CA TYR A 55 9.24 9.02 5.42
C TYR A 55 9.69 9.42 6.82
N ARG A 56 9.20 10.56 7.29
CA ARG A 56 9.48 11.02 8.65
C ARG A 56 8.55 10.34 9.64
N ILE A 57 9.13 9.48 10.47
CA ILE A 57 8.37 8.73 11.46
C ILE A 57 8.58 9.31 12.85
N LEU A 58 7.48 9.55 13.55
CA LEU A 58 7.54 9.94 14.95
C LEU A 58 6.92 8.86 15.81
N ASP A 59 7.75 8.29 16.68
CA ASP A 59 7.32 7.28 17.63
C ASP A 59 6.61 7.97 18.80
N GLY A 60 5.31 7.73 18.95
CA GLY A 60 4.53 8.32 20.03
C GLY A 60 4.96 7.89 21.42
N ARG A 61 5.70 6.79 21.51
CA ARG A 61 6.08 6.20 22.79
C ARG A 61 4.87 6.17 23.72
N ASN A 62 5.03 6.63 24.96
CA ASN A 62 3.94 6.63 25.94
C ASN A 62 2.74 7.55 25.61
N CYS A 63 2.89 8.39 24.59
CA CYS A 63 1.87 9.39 24.26
C CYS A 63 0.95 9.03 23.08
N THR A 64 -0.31 9.42 23.21
CA THR A 64 -1.25 9.40 22.10
C THR A 64 -1.04 10.70 21.31
N LEU A 65 -1.58 10.76 20.10
CA LEU A 65 -1.48 11.95 19.28
C LEU A 65 -2.28 13.09 19.90
N ILE A 66 -3.50 12.81 20.33
CA ILE A 66 -4.34 13.80 20.99
C ILE A 66 -3.62 14.42 22.20
N ASP A 67 -2.99 13.58 23.01
CA ASP A 67 -2.28 14.02 24.23
C ASP A 67 -1.13 14.95 23.92
N ALA A 68 -0.36 14.60 22.88
CA ALA A 68 0.81 15.38 22.52
C ALA A 68 0.41 16.78 22.10
N MET A 69 -0.73 16.90 21.45
CA MET A 69 -1.18 18.22 21.02
C MET A 69 -1.83 19.03 22.15
N LEU A 70 -2.60 18.38 23.00
CA LEU A 70 -3.23 19.05 24.13
C LEU A 70 -2.18 19.56 25.10
N GLY A 71 -1.13 18.77 25.30
CA GLY A 71 -0.03 19.17 26.17
C GLY A 71 0.02 18.51 27.53
N ASP A 72 -0.34 17.22 27.55
CA ASP A 72 -0.12 16.34 28.71
C ASP A 72 1.36 16.43 29.11
N PRO A 73 1.66 16.59 30.40
CA PRO A 73 3.05 16.80 30.84
C PRO A 73 4.07 15.75 30.39
N HIS A 74 3.68 14.48 30.35
CA HIS A 74 4.64 13.47 29.91
C HIS A 74 4.81 13.48 28.38
N CYS A 75 4.02 14.30 27.70
CA CYS A 75 4.10 14.46 26.25
C CYS A 75 4.86 15.69 25.79
N ASP A 76 5.41 16.43 26.74
CA ASP A 76 6.15 17.67 26.48
C ASP A 76 7.21 17.58 25.40
N ALA A 77 7.83 16.41 25.23
CA ALA A 77 8.86 16.22 24.21
C ALA A 77 8.35 16.37 22.75
N PHE A 78 7.05 16.11 22.54
CA PHE A 78 6.46 16.20 21.21
C PHE A 78 6.09 17.63 20.83
N GLN A 79 6.10 18.51 21.83
CA GLN A 79 5.77 19.93 21.68
C GLN A 79 6.16 20.59 20.34
N TYR A 80 7.35 20.30 19.83
CA TYR A 80 7.84 21.00 18.66
C TYR A 80 7.79 20.18 17.38
N GLU A 81 7.15 19.01 17.45
CA GLU A 81 7.27 18.00 16.40
C GLU A 81 6.33 18.12 15.21
N SER A 82 6.86 17.72 14.06
CA SER A 82 6.05 17.41 12.90
C SER A 82 6.44 16.03 12.39
N TRP A 83 5.54 15.42 11.62
CA TRP A 83 5.74 14.07 11.11
C TRP A 83 5.13 13.84 9.72
N ASP A 84 5.63 12.81 9.04
CA ASP A 84 4.89 12.19 7.94
C ASP A 84 3.93 11.17 8.55
N LEU A 85 4.45 10.29 9.39
CA LEU A 85 3.63 9.29 10.04
C LEU A 85 3.88 9.23 11.54
N PHE A 86 2.81 9.41 12.33
CA PHE A 86 2.89 9.33 13.79
C PHE A 86 2.42 7.94 14.23
N ILE A 87 3.30 7.25 14.95
CA ILE A 87 3.01 5.91 15.43
C ILE A 87 2.40 5.94 16.83
N GLU A 88 1.19 5.40 16.98
CA GLU A 88 0.56 5.30 18.29
C GLU A 88 0.72 3.88 18.85
N ARG A 89 1.47 3.79 19.94
CA ARG A 89 1.74 2.54 20.66
C ARG A 89 0.58 2.18 21.59
N SER A 90 0.65 1.02 22.22
CA SER A 90 -0.44 0.52 23.05
C SER A 90 -0.24 0.67 24.54
N ASN A 91 1.01 0.72 24.99
CA ASN A 91 1.30 1.09 26.38
C ASN A 91 0.84 2.53 26.57
N ALA A 92 0.63 3.23 25.46
CA ALA A 92 0.23 4.63 25.49
C ALA A 92 -0.86 4.88 26.51
N PHE A 93 -0.68 5.90 27.34
CA PHE A 93 -1.65 6.24 28.37
C PHE A 93 -1.74 7.74 28.56
N SER A 94 -2.73 8.15 29.34
CA SER A 94 -2.92 9.56 29.67
C SER A 94 -2.47 9.78 31.10
N ASN A 95 -2.16 11.02 31.44
CA ASN A 95 -1.56 11.31 32.74
C ASN A 95 -1.87 12.71 33.23
N CYS A 96 -2.79 13.38 32.53
CA CYS A 96 -3.20 14.73 32.92
C CYS A 96 -4.65 14.69 33.42
N TYR A 97 -5.30 15.85 33.54
CA TYR A 97 -6.68 15.92 34.00
C TYR A 97 -7.58 15.03 33.14
N PRO A 98 -8.54 14.33 33.76
CA PRO A 98 -9.42 13.44 32.97
C PRO A 98 -10.31 14.23 32.02
N TYR A 99 -10.51 13.72 30.82
CA TYR A 99 -11.30 14.43 29.82
C TYR A 99 -12.03 13.48 28.90
N ASP A 100 -12.66 14.06 27.90
CA ASP A 100 -13.27 13.33 26.81
C ASP A 100 -13.45 14.32 25.68
N ILE A 101 -13.33 13.82 24.45
CA ILE A 101 -13.57 14.67 23.30
C ILE A 101 -14.77 14.11 22.53
N PRO A 102 -15.90 14.84 22.54
CA PRO A 102 -16.99 14.39 21.70
C PRO A 102 -16.51 14.50 20.27
N ASP A 103 -16.74 13.46 19.49
CA ASP A 103 -16.20 13.36 18.13
C ASP A 103 -14.66 13.31 18.15
N TYR A 104 -14.13 12.50 19.07
CA TYR A 104 -12.70 12.27 19.24
C TYR A 104 -11.99 11.91 17.93
N ALA A 105 -12.43 10.83 17.29
CA ALA A 105 -11.78 10.31 16.08
C ALA A 105 -11.58 11.39 15.03
N SER A 106 -12.57 12.26 14.88
CA SER A 106 -12.49 13.32 13.89
C SER A 106 -11.34 14.27 14.22
N LEU A 107 -11.27 14.69 15.47
CA LEU A 107 -10.17 15.56 15.88
C LEU A 107 -8.83 14.86 15.70
N ARG A 108 -8.78 13.58 16.08
CA ARG A 108 -7.58 12.76 15.88
C ARG A 108 -7.15 12.79 14.41
N SER A 109 -8.13 12.60 13.51
CA SER A 109 -7.90 12.59 12.08
C SER A 109 -7.45 13.94 11.53
N ILE A 110 -8.16 15.00 11.94
CA ILE A 110 -7.79 16.35 11.51
C ILE A 110 -6.32 16.65 11.84
N VAL A 111 -5.91 16.38 13.09
CA VAL A 111 -4.55 16.66 13.55
C VAL A 111 -3.49 15.76 12.89
N ALA A 112 -3.85 14.49 12.69
CA ALA A 112 -2.96 13.52 12.06
C ALA A 112 -2.57 13.97 10.67
N SER A 113 -3.56 14.34 9.85
CA SER A 113 -3.29 14.75 8.47
C SER A 113 -2.65 16.12 8.38
N SER A 114 -2.85 16.94 9.42
CA SER A 114 -2.13 18.22 9.53
C SER A 114 -0.63 18.00 9.72
N GLY A 115 -0.27 16.98 10.48
CA GLY A 115 1.10 16.52 10.56
C GLY A 115 2.03 17.36 11.41
N THR A 116 1.48 17.97 12.46
CA THR A 116 2.24 18.83 13.39
C THR A 116 1.43 19.06 14.68
N VAL A 117 2.13 19.23 15.80
CA VAL A 117 1.50 19.68 17.04
C VAL A 117 2.11 21.02 17.44
N GLU A 118 2.72 21.68 16.47
CA GLU A 118 3.37 22.97 16.68
C GLU A 118 2.36 24.08 16.92
N PHE A 119 2.60 24.85 17.98
CA PHE A 119 1.62 25.76 18.55
C PHE A 119 2.09 27.21 18.50
N THR A 120 1.20 28.10 18.08
CA THR A 120 1.50 29.53 18.12
C THR A 120 0.62 30.23 19.15
N ALA A 121 1.26 30.66 20.23
CA ALA A 121 0.61 31.35 21.32
C ALA A 121 0.08 32.70 20.87
N GLU A 122 -1.07 33.09 21.42
CA GLU A 122 -1.66 34.40 21.17
C GLU A 122 -1.94 35.14 22.48
N GLY A 123 -1.92 36.46 22.45
CA GLY A 123 -2.16 37.23 23.66
C GLY A 123 -3.63 37.45 23.99
N PHE A 124 -4.27 36.45 24.59
CA PHE A 124 -5.66 36.58 25.04
C PHE A 124 -5.73 37.35 26.35
N THR A 125 -6.79 38.13 26.51
CA THR A 125 -6.99 38.87 27.77
C THR A 125 -8.22 38.36 28.49
N TRP A 126 -7.99 37.80 29.68
CA TRP A 126 -9.08 37.33 30.52
C TRP A 126 -9.17 38.24 31.72
N THR A 127 -10.00 39.28 31.59
CA THR A 127 -10.08 40.36 32.57
C THR A 127 -10.87 39.98 33.81
N GLY A 128 -10.22 40.10 34.98
CA GLY A 128 -10.85 39.89 36.29
C GLY A 128 -11.12 38.44 36.67
N VAL A 129 -10.29 37.53 36.16
CA VAL A 129 -10.34 36.10 36.49
C VAL A 129 -8.92 35.58 36.70
N THR A 130 -8.74 34.60 37.57
CA THR A 130 -7.41 34.03 37.77
C THR A 130 -7.15 32.96 36.70
N GLN A 131 -5.98 33.04 36.09
CA GLN A 131 -5.60 32.13 35.01
C GLN A 131 -4.76 30.98 35.55
N ASN A 132 -4.41 30.04 34.67
CA ASN A 132 -3.48 28.96 34.96
C ASN A 132 -3.87 27.98 36.07
N GLY A 133 -5.17 27.67 36.16
CA GLY A 133 -5.67 26.64 37.08
C GLY A 133 -4.97 25.29 36.88
N ARG A 134 -4.40 24.77 37.96
CA ARG A 134 -3.60 23.54 37.92
C ARG A 134 -4.30 22.40 38.69
N SER A 135 -3.80 21.17 38.52
CA SER A 135 -4.42 20.01 39.14
C SER A 135 -3.42 18.95 39.57
N GLY A 136 -3.72 18.33 40.71
CA GLY A 136 -2.91 17.25 41.27
C GLY A 136 -2.89 16.01 40.42
N ALA A 137 -3.85 15.91 39.49
CA ALA A 137 -3.97 14.78 38.58
C ALA A 137 -3.04 14.91 37.38
N CYS A 138 -2.42 16.07 37.24
CA CYS A 138 -1.65 16.39 36.06
C CYS A 138 -0.30 16.98 36.49
N LYS A 139 0.58 16.13 37.01
CA LYS A 139 1.86 16.56 37.60
C LYS A 139 2.97 16.85 36.59
N ARG A 140 3.45 18.09 36.53
CA ARG A 140 4.66 18.39 35.75
C ARG A 140 5.88 18.37 36.66
N GLY A 141 6.72 17.36 36.46
CA GLY A 141 7.79 17.03 37.41
C GLY A 141 7.14 16.34 38.59
N SER A 142 6.85 17.10 39.64
CA SER A 142 6.12 16.59 40.79
C SER A 142 5.34 17.73 41.43
N ALA A 143 4.85 18.63 40.58
CA ALA A 143 4.02 19.75 40.99
C ALA A 143 2.72 19.73 40.20
N ASP A 144 1.64 20.22 40.80
CA ASP A 144 0.36 20.39 40.13
C ASP A 144 0.53 21.19 38.85
N SER A 145 -0.11 20.70 37.79
CA SER A 145 -0.09 21.41 36.52
C SER A 145 -1.34 21.09 35.72
N PHE A 146 -1.31 21.41 34.44
CA PHE A 146 -2.45 21.25 33.55
C PHE A 146 -1.92 21.10 32.13
N PHE A 147 -2.80 20.72 31.20
CA PHE A 147 -2.46 20.67 29.78
C PHE A 147 -1.84 21.99 29.39
N SER A 148 -0.66 21.93 28.75
CA SER A 148 0.08 23.15 28.41
C SER A 148 -0.60 24.05 27.38
N ARG A 149 -1.45 23.50 26.51
CA ARG A 149 -2.10 24.31 25.48
C ARG A 149 -3.47 24.84 25.90
N LEU A 150 -3.85 24.53 27.14
CA LEU A 150 -5.10 25.05 27.70
C LEU A 150 -4.90 25.89 28.97
N ASN A 151 -5.76 26.89 29.11
CA ASN A 151 -5.72 27.79 30.23
C ASN A 151 -7.00 27.65 31.05
N TRP A 152 -6.85 27.13 32.26
CA TRP A 152 -7.98 26.87 33.15
C TRP A 152 -8.29 28.11 33.99
N LEU A 153 -9.38 28.78 33.63
CA LEU A 153 -9.76 30.04 34.27
C LEU A 153 -10.77 29.79 35.35
N THR A 154 -10.54 30.41 36.49
CA THR A 154 -11.50 30.43 37.59
C THR A 154 -11.75 31.84 38.12
N LYS A 155 -12.77 31.92 38.96
CA LYS A 155 -13.09 33.09 39.78
C LYS A 155 -11.86 33.78 40.37
N SER A 156 -11.84 35.10 40.24
CA SER A 156 -10.89 35.94 40.95
C SER A 156 -11.67 36.74 42.01
N GLY A 157 -11.16 36.75 43.24
CA GLY A 157 -11.83 37.41 44.36
C GLY A 157 -13.20 36.83 44.64
N SER A 158 -14.24 37.58 44.29
CA SER A 158 -15.64 37.12 44.40
C SER A 158 -16.41 37.30 43.10
N SER A 159 -15.66 37.41 41.99
CA SER A 159 -16.25 37.65 40.68
C SER A 159 -15.74 36.76 39.55
N TYR A 160 -16.68 36.38 38.69
CA TYR A 160 -16.37 35.83 37.39
C TYR A 160 -17.31 36.57 36.45
N PRO A 161 -16.84 37.68 35.87
CA PRO A 161 -17.68 38.48 34.97
C PRO A 161 -17.81 37.80 33.61
N THR A 162 -18.85 38.14 32.85
CA THR A 162 -19.01 37.62 31.49
C THR A 162 -17.73 37.95 30.73
N LEU A 163 -17.03 36.91 30.30
CA LEU A 163 -15.86 37.09 29.48
C LEU A 163 -16.36 37.37 28.09
N ASN A 164 -15.72 38.32 27.43
CA ASN A 164 -16.07 38.66 26.08
C ASN A 164 -14.80 39.05 25.34
N VAL A 165 -14.08 38.02 24.91
CA VAL A 165 -12.75 38.17 24.30
C VAL A 165 -12.82 37.89 22.81
N THR A 166 -11.98 38.59 22.06
CA THR A 166 -12.01 38.51 20.62
C THR A 166 -10.60 38.29 20.05
N MET A 167 -10.51 37.62 18.91
CA MET A 167 -9.23 37.32 18.29
C MET A 167 -9.39 37.11 16.80
N PRO A 168 -9.11 38.14 15.99
CA PRO A 168 -9.32 38.03 14.55
C PRO A 168 -8.23 37.21 13.85
N ASN A 169 -8.59 36.51 12.78
CA ASN A 169 -7.62 35.83 11.94
C ASN A 169 -7.14 36.75 10.82
N ASN A 170 -5.95 37.29 10.98
CA ASN A 170 -5.37 38.21 10.00
C ASN A 170 -4.31 37.58 9.11
N LYS A 171 -3.98 36.32 9.42
CA LYS A 171 -3.07 35.53 8.62
C LYS A 171 -3.82 35.04 7.40
N ASN A 172 -3.10 34.53 6.40
CA ASN A 172 -3.76 33.92 5.25
C ASN A 172 -3.78 32.38 5.27
N PHE A 173 -4.24 31.81 6.39
CA PHE A 173 -4.54 30.38 6.52
C PHE A 173 -5.63 30.14 7.56
N ASP A 174 -6.12 28.91 7.65
CA ASP A 174 -7.08 28.59 8.69
C ASP A 174 -6.34 28.38 10.01
N LYS A 175 -6.90 28.91 11.09
CA LYS A 175 -6.40 28.62 12.42
C LYS A 175 -7.27 27.54 13.05
N LEU A 176 -6.65 26.61 13.75
CA LEU A 176 -7.38 25.64 14.56
C LEU A 176 -7.24 26.01 16.03
N TYR A 177 -8.35 26.24 16.71
CA TYR A 177 -8.33 26.57 18.13
C TYR A 177 -8.92 25.42 18.92
N ILE A 178 -8.21 25.04 19.98
CA ILE A 178 -8.65 23.97 20.86
C ILE A 178 -9.00 24.58 22.19
N TRP A 179 -10.21 24.30 22.64
CA TRP A 179 -10.71 24.81 23.91
C TRP A 179 -11.54 23.76 24.63
N GLY A 180 -12.14 24.13 25.76
CA GLY A 180 -12.85 23.16 26.55
C GLY A 180 -13.73 23.76 27.61
N ILE A 181 -14.48 22.90 28.28
CA ILE A 181 -15.34 23.28 29.37
C ILE A 181 -15.11 22.33 30.54
N HIS A 182 -15.30 22.83 31.77
CA HIS A 182 -15.09 22.00 32.96
C HIS A 182 -16.40 21.65 33.64
N HIS A 183 -16.62 20.33 33.83
CA HIS A 183 -17.79 19.83 34.58
C HIS A 183 -17.40 19.59 36.03
N PRO A 184 -17.92 20.40 36.96
CA PRO A 184 -17.60 20.19 38.36
C PRO A 184 -18.43 19.04 38.94
N SER A 185 -18.03 18.55 40.11
CA SER A 185 -18.67 17.38 40.72
C SER A 185 -19.85 17.70 41.66
N SER A 186 -19.90 18.92 42.18
CA SER A 186 -20.97 19.34 43.07
C SER A 186 -21.25 20.85 42.96
N ASN A 187 -22.50 21.24 43.17
CA ASN A 187 -22.88 22.66 43.16
C ASN A 187 -21.97 23.45 44.07
N GLN A 188 -21.54 22.77 45.15
CA GLN A 188 -20.59 23.27 46.12
C GLN A 188 -19.26 23.67 45.47
N GLU A 189 -18.76 22.81 44.59
CA GLU A 189 -17.52 23.05 43.85
C GLU A 189 -17.74 24.12 42.76
N GLN A 190 -18.85 23.99 42.02
CA GLN A 190 -19.19 24.90 40.91
C GLN A 190 -19.11 26.35 41.34
N THR A 191 -20.00 26.75 42.24
CA THR A 191 -20.06 28.14 42.73
C THR A 191 -18.72 28.64 43.30
N LYS A 192 -17.98 27.72 43.94
CA LYS A 192 -16.67 28.02 44.55
C LYS A 192 -15.65 28.51 43.52
N LEU A 193 -15.62 27.84 42.37
CA LEU A 193 -14.61 28.15 41.35
C LEU A 193 -15.14 29.13 40.31
N TYR A 194 -16.45 29.22 40.18
CA TYR A 194 -17.06 30.05 39.16
C TYR A 194 -18.35 30.62 39.73
N ILE A 195 -18.30 31.85 40.23
CA ILE A 195 -19.42 32.44 40.97
C ILE A 195 -20.81 31.89 40.61
N GLN A 196 -21.22 32.10 39.36
CA GLN A 196 -22.58 31.75 38.89
C GLN A 196 -22.92 30.28 39.10
N GLU A 197 -24.17 29.99 39.42
CA GLU A 197 -24.60 28.61 39.64
C GLU A 197 -24.52 27.78 38.36
N SER A 198 -24.85 28.39 37.23
CA SER A 198 -24.80 27.71 35.96
C SER A 198 -23.96 28.50 34.96
N GLY A 199 -22.87 27.90 34.47
CA GLY A 199 -22.00 28.56 33.50
C GLY A 199 -22.37 28.23 32.08
N ARG A 200 -21.54 28.68 31.13
CA ARG A 200 -21.66 28.37 29.70
C ARG A 200 -20.50 28.94 28.88
N VAL A 201 -20.32 28.40 27.67
CA VAL A 201 -19.31 28.87 26.73
C VAL A 201 -19.93 28.99 25.34
N THR A 202 -19.85 30.19 24.75
CA THR A 202 -20.30 30.40 23.37
C THR A 202 -19.14 30.88 22.49
N VAL A 203 -18.47 29.91 21.89
CA VAL A 203 -17.43 30.16 20.91
C VAL A 203 -18.07 30.31 19.54
N SER A 204 -17.72 31.38 18.85
CA SER A 204 -18.44 31.79 17.66
C SER A 204 -17.51 32.45 16.67
N THR A 205 -17.88 32.35 15.39
CA THR A 205 -17.29 33.18 14.34
C THR A 205 -18.42 33.87 13.61
N LYS A 206 -18.13 34.44 12.44
CA LYS A 206 -19.17 35.06 11.62
C LYS A 206 -20.08 34.03 10.98
N ARG A 207 -19.63 32.79 10.91
CA ARG A 207 -20.32 31.77 10.14
C ARG A 207 -20.76 30.55 10.94
N SER A 208 -20.07 30.26 12.03
CA SER A 208 -20.53 29.22 12.94
C SER A 208 -20.58 29.67 14.40
N GLN A 209 -21.06 28.78 15.26
CA GLN A 209 -21.17 29.02 16.70
C GLN A 209 -21.42 27.69 17.43
N GLN A 210 -21.00 27.62 18.69
CA GLN A 210 -21.24 26.44 19.51
C GLN A 210 -21.36 26.87 20.98
N THR A 211 -22.51 26.63 21.59
CA THR A 211 -22.63 26.85 23.03
C THR A 211 -22.64 25.52 23.78
N ILE A 212 -21.80 25.43 24.81
CA ILE A 212 -21.71 24.23 25.64
C ILE A 212 -22.00 24.58 27.09
N ILE A 213 -22.93 23.85 27.69
CA ILE A 213 -23.30 24.03 29.08
C ILE A 213 -22.62 22.93 29.90
N PRO A 214 -22.04 23.30 31.06
CA PRO A 214 -21.42 22.32 31.95
C PRO A 214 -22.47 21.44 32.61
N ASN A 215 -22.06 20.28 33.11
CA ASN A 215 -23.00 19.34 33.70
C ASN A 215 -22.51 18.84 35.06
N ILE A 216 -23.16 19.31 36.12
CA ILE A 216 -22.72 19.03 37.48
C ILE A 216 -22.90 17.56 37.79
N GLY A 217 -22.06 17.02 38.69
CA GLY A 217 -22.20 15.64 39.14
C GLY A 217 -20.90 14.87 39.30
N SER A 218 -20.94 13.83 40.12
CA SER A 218 -19.79 12.96 40.38
C SER A 218 -19.61 11.92 39.29
N ARG A 219 -18.36 11.74 38.87
CA ARG A 219 -17.95 10.66 37.99
C ARG A 219 -16.91 9.83 38.73
N PRO A 220 -16.54 8.67 38.20
CA PRO A 220 -15.53 7.83 38.87
C PRO A 220 -14.19 8.53 38.98
N LEU A 221 -13.45 8.25 40.05
CA LEU A 221 -12.16 8.88 40.28
C LEU A 221 -11.14 8.46 39.25
N VAL A 222 -10.50 9.45 38.65
CA VAL A 222 -9.35 9.24 37.80
C VAL A 222 -8.25 10.15 38.34
N ARG A 223 -7.15 9.52 38.78
CA ARG A 223 -6.05 10.22 39.46
C ARG A 223 -6.57 11.20 40.55
N GLY A 224 -7.42 10.68 41.43
CA GLY A 224 -7.96 11.45 42.53
C GLY A 224 -9.06 12.45 42.22
N GLN A 225 -9.36 12.67 40.93
CA GLN A 225 -10.40 13.65 40.56
C GLN A 225 -11.70 13.06 39.99
N SER A 226 -12.82 13.64 40.42
CA SER A 226 -14.15 13.18 40.02
C SER A 226 -14.80 14.15 39.04
N GLY A 227 -14.21 15.33 38.90
CA GLY A 227 -14.62 16.29 37.88
C GLY A 227 -14.10 15.83 36.53
N ARG A 228 -14.47 16.57 35.47
CA ARG A 228 -14.08 16.23 34.09
C ARG A 228 -13.94 17.47 33.22
N ILE A 229 -13.33 17.28 32.05
CA ILE A 229 -13.25 18.31 31.04
C ILE A 229 -13.67 17.76 29.67
N SER A 230 -14.46 18.54 28.94
CA SER A 230 -14.85 18.19 27.59
C SER A 230 -14.17 19.11 26.60
N ILE A 231 -13.57 18.53 25.57
CA ILE A 231 -12.79 19.32 24.61
C ILE A 231 -13.47 19.53 23.25
N TYR A 232 -13.42 20.78 22.78
CA TYR A 232 -14.04 21.21 21.53
C TYR A 232 -13.06 21.94 20.63
N TRP A 233 -13.34 21.99 19.33
CA TRP A 233 -12.47 22.74 18.43
C TRP A 233 -13.28 23.73 17.59
N THR A 234 -12.57 24.64 16.95
CA THR A 234 -13.19 25.65 16.11
C THR A 234 -12.21 26.05 15.03
N ILE A 235 -12.69 26.04 13.79
CA ILE A 235 -11.86 26.48 12.68
C ILE A 235 -12.21 27.93 12.35
N VAL A 236 -11.20 28.79 12.39
CA VAL A 236 -11.38 30.19 12.04
C VAL A 236 -10.73 30.46 10.69
N LYS A 237 -11.55 30.85 9.72
CA LYS A 237 -11.10 31.10 8.34
C LYS A 237 -10.38 32.46 8.21
N PRO A 238 -9.52 32.62 7.18
CA PRO A 238 -8.83 33.91 7.01
C PRO A 238 -9.84 35.03 6.85
N GLY A 239 -9.59 36.17 7.47
CA GLY A 239 -10.52 37.28 7.40
C GLY A 239 -11.62 37.20 8.44
N ASP A 240 -12.02 35.98 8.81
CA ASP A 240 -13.00 35.75 9.87
C ASP A 240 -12.41 36.12 11.24
N ILE A 241 -13.14 35.82 12.31
CA ILE A 241 -12.78 36.27 13.66
C ILE A 241 -13.35 35.35 14.76
N LEU A 242 -12.49 34.92 15.68
CA LEU A 242 -12.92 34.09 16.81
C LEU A 242 -13.55 34.96 17.90
N MET A 243 -14.51 34.41 18.64
CA MET A 243 -15.11 35.12 19.77
C MET A 243 -15.60 34.18 20.85
N ILE A 244 -15.09 34.37 22.06
CA ILE A 244 -15.41 33.50 23.18
C ILE A 244 -16.19 34.26 24.23
N ASN A 245 -17.40 33.77 24.52
CA ASN A 245 -18.29 34.39 25.48
C ASN A 245 -18.58 33.38 26.60
N SER A 246 -18.24 33.74 27.83
CA SER A 246 -18.39 32.82 28.95
C SER A 246 -18.63 33.50 30.29
N ASN A 247 -19.58 32.94 31.04
CA ASN A 247 -19.88 33.42 32.38
C ASN A 247 -19.52 32.37 33.43
N GLY A 248 -18.84 31.32 33.00
CA GLY A 248 -18.34 30.27 33.89
C GLY A 248 -17.85 29.04 33.15
N ASN A 249 -16.91 28.33 33.77
CA ASN A 249 -16.50 26.98 33.36
C ASN A 249 -15.58 26.85 32.12
N LEU A 250 -15.26 27.97 31.48
CA LEU A 250 -14.42 27.97 30.26
C LEU A 250 -12.97 27.52 30.50
N VAL A 251 -12.53 26.55 29.72
CA VAL A 251 -11.12 26.19 29.65
C VAL A 251 -10.61 26.80 28.35
N ALA A 252 -9.85 27.89 28.49
CA ALA A 252 -9.51 28.78 27.40
C ALA A 252 -8.34 28.31 26.52
N PRO A 253 -8.33 28.69 25.24
CA PRO A 253 -7.20 28.35 24.39
C PRO A 253 -6.06 29.30 24.71
N ARG A 254 -4.84 28.90 24.36
CA ARG A 254 -3.69 29.77 24.56
C ARG A 254 -3.16 30.33 23.24
N GLY A 255 -3.81 29.94 22.14
CA GLY A 255 -3.39 30.30 20.79
C GLY A 255 -3.95 29.33 19.76
N TYR A 256 -3.24 29.20 18.63
CA TYR A 256 -3.74 28.36 17.53
C TYR A 256 -2.77 27.31 17.04
N PHE A 257 -3.32 26.29 16.42
CA PHE A 257 -2.57 25.33 15.60
C PHE A 257 -2.72 25.69 14.13
N LYS A 258 -1.60 25.77 13.42
CA LYS A 258 -1.62 25.96 11.97
C LYS A 258 -2.07 24.64 11.33
N LEU A 259 -3.04 24.74 10.43
CA LEU A 259 -3.68 23.58 9.83
C LEU A 259 -3.13 23.37 8.43
N ASN A 260 -2.58 22.19 8.17
CA ASN A 260 -1.91 21.95 6.89
C ASN A 260 -2.62 20.96 6.02
N THR A 261 -2.52 21.17 4.71
CA THR A 261 -2.86 20.13 3.75
C THR A 261 -1.56 19.37 3.51
N GLY A 262 -1.58 18.06 3.71
CA GLY A 262 -0.34 17.31 3.61
C GLY A 262 -0.45 15.81 3.55
N LYS A 263 0.69 15.19 3.25
CA LYS A 263 0.81 13.75 3.16
C LYS A 263 0.85 13.05 4.53
N SER A 264 0.45 13.74 5.59
CA SER A 264 0.64 13.24 6.95
C SER A 264 -0.46 12.33 7.45
N SER A 265 -0.12 11.50 8.42
CA SER A 265 -1.09 10.57 9.01
C SER A 265 -0.62 9.94 10.33
N VAL A 266 -1.51 9.11 10.91
CA VAL A 266 -1.26 8.39 12.17
C VAL A 266 -1.57 6.89 12.01
N MET A 267 -0.77 6.04 12.67
CA MET A 267 -0.95 4.58 12.59
C MET A 267 -0.73 3.88 13.93
N ARG A 268 -1.64 2.98 14.27
CA ARG A 268 -1.53 2.17 15.48
C ARG A 268 -0.62 0.99 15.20
N SER A 269 0.51 0.95 15.90
CA SER A 269 1.47 -0.14 15.72
C SER A 269 2.30 -0.35 16.97
N ASP A 270 2.64 -1.60 17.25
CA ASP A 270 3.50 -1.93 18.38
C ASP A 270 4.87 -2.38 17.96
N VAL A 271 5.04 -2.57 16.65
CA VAL A 271 6.29 -3.02 16.07
C VAL A 271 7.38 -1.93 16.22
N PRO A 272 8.64 -2.33 16.52
CA PRO A 272 9.76 -1.39 16.72
C PRO A 272 10.18 -0.60 15.48
N ILE A 273 10.82 0.54 15.69
CA ILE A 273 11.36 1.36 14.60
C ILE A 273 12.85 1.13 14.47
N ASP A 274 13.33 0.92 13.25
CA ASP A 274 14.74 0.62 13.03
C ASP A 274 15.36 1.39 11.86
N ILE A 275 16.68 1.37 11.77
CA ILE A 275 17.42 2.03 10.70
C ILE A 275 17.48 1.21 9.40
N CYS A 276 16.50 1.42 8.52
CA CYS A 276 16.49 0.86 7.16
C CYS A 276 15.82 1.83 6.18
N VAL A 277 15.67 1.45 4.91
CA VAL A 277 14.94 2.25 3.94
C VAL A 277 13.72 1.49 3.40
N SER A 278 12.58 2.18 3.24
CA SER A 278 11.41 1.63 2.53
C SER A 278 10.31 2.68 2.24
N GLU A 279 9.38 2.33 1.37
CA GLU A 279 8.39 3.29 0.88
C GLU A 279 6.93 2.94 1.22
N CYS A 280 6.73 1.90 2.02
CA CYS A 280 5.40 1.46 2.44
C CYS A 280 5.43 0.94 3.87
N ILE A 281 4.46 1.36 4.68
CA ILE A 281 4.39 1.00 6.11
C ILE A 281 3.04 0.42 6.51
N THR A 282 3.08 -0.68 7.26
CA THR A 282 1.88 -1.32 7.83
C THR A 282 2.09 -1.51 9.33
N PRO A 283 1.02 -1.80 10.08
CA PRO A 283 1.15 -2.10 11.50
C PRO A 283 2.18 -3.19 11.79
N ASN A 284 2.40 -4.08 10.82
CA ASN A 284 3.30 -5.21 11.00
C ASN A 284 4.74 -4.82 10.74
N GLY A 285 4.93 -3.66 10.12
CA GLY A 285 6.27 -3.18 9.81
C GLY A 285 6.28 -2.60 8.42
N SER A 286 7.44 -2.15 7.98
CA SER A 286 7.62 -1.73 6.59
C SER A 286 7.57 -2.97 5.70
N ILE A 287 7.01 -2.83 4.49
CA ILE A 287 7.00 -3.93 3.54
C ILE A 287 7.58 -3.53 2.19
N SER A 288 8.01 -4.53 1.43
CA SER A 288 8.63 -4.28 0.14
C SER A 288 7.65 -3.79 -0.93
N ASN A 289 8.19 -3.02 -1.84
CA ASN A 289 7.42 -2.22 -2.77
C ASN A 289 7.17 -2.86 -4.13
N ASP A 290 8.03 -3.81 -4.50
CA ASP A 290 8.14 -4.20 -5.90
C ASP A 290 6.98 -5.02 -6.50
N LYS A 291 6.27 -5.81 -5.68
CA LYS A 291 5.13 -6.60 -6.17
C LYS A 291 3.84 -5.77 -6.26
N PRO A 292 2.90 -6.18 -7.13
CA PRO A 292 1.66 -5.39 -7.30
C PRO A 292 0.62 -5.59 -6.19
N PHE A 293 0.66 -6.72 -5.51
CA PHE A 293 -0.32 -7.04 -4.48
C PHE A 293 0.35 -7.42 -3.17
N GLN A 294 -0.44 -7.56 -2.12
CA GLN A 294 0.10 -7.58 -0.78
C GLN A 294 -0.94 -8.18 0.17
N ASN A 295 -0.48 -9.02 1.07
CA ASN A 295 -1.37 -9.73 1.97
C ASN A 295 -1.04 -9.48 3.45
N VAL A 296 -0.11 -8.55 3.68
CA VAL A 296 0.38 -8.28 5.02
C VAL A 296 -0.65 -7.59 5.92
N ASN A 297 -1.21 -6.48 5.45
CA ASN A 297 -2.19 -5.71 6.20
C ASN A 297 -2.99 -4.76 5.30
N LYS A 298 -4.29 -4.62 5.59
CA LYS A 298 -5.12 -3.65 4.87
C LYS A 298 -4.86 -2.22 5.30
N VAL A 299 -4.25 -2.05 6.47
CA VAL A 299 -3.83 -0.73 6.95
C VAL A 299 -2.47 -0.40 6.35
N THR A 300 -2.41 0.56 5.44
CA THR A 300 -1.14 0.91 4.82
C THR A 300 -0.94 2.42 4.72
N TYR A 301 0.32 2.83 4.73
CA TYR A 301 0.70 4.22 4.45
C TYR A 301 1.89 4.28 3.48
N GLY A 302 1.76 5.07 2.44
CA GLY A 302 2.86 5.29 1.50
C GLY A 302 2.58 4.68 0.15
N LYS A 303 3.66 4.36 -0.56
CA LYS A 303 3.61 3.73 -1.89
C LYS A 303 3.46 2.21 -1.71
N CYS A 304 2.22 1.72 -1.66
CA CYS A 304 1.98 0.32 -1.27
C CYS A 304 1.32 -0.49 -2.36
N PRO A 305 1.67 -1.79 -2.44
CA PRO A 305 0.88 -2.69 -3.29
C PRO A 305 -0.53 -2.83 -2.73
N LYS A 306 -1.47 -3.17 -3.59
CA LYS A 306 -2.87 -3.27 -3.17
C LYS A 306 -3.07 -4.49 -2.29
N TYR A 307 -3.87 -4.33 -1.24
CA TYR A 307 -4.14 -5.43 -0.32
C TYR A 307 -5.19 -6.37 -0.88
N ILE A 308 -4.89 -7.66 -0.86
CA ILE A 308 -5.84 -8.70 -1.28
C ILE A 308 -5.89 -9.87 -0.28
N ARG A 309 -6.88 -10.74 -0.46
CA ARG A 309 -7.10 -11.84 0.47
C ARG A 309 -6.13 -13.00 0.31
N GLN A 310 -5.59 -13.21 -0.89
CA GLN A 310 -4.76 -14.41 -1.14
C GLN A 310 -3.29 -14.21 -0.77
N ASN A 311 -2.67 -15.25 -0.21
CA ASN A 311 -1.29 -15.16 0.28
C ASN A 311 -0.27 -15.48 -0.80
N THR A 312 -0.76 -16.01 -1.92
CA THR A 312 0.11 -16.39 -3.01
C THR A 312 -0.58 -16.22 -4.38
N LEU A 313 0.15 -15.65 -5.34
CA LEU A 313 -0.30 -15.64 -6.74
C LEU A 313 0.89 -15.73 -7.71
N LYS A 314 0.92 -16.80 -8.51
CA LYS A 314 2.04 -17.04 -9.42
C LYS A 314 1.80 -16.58 -10.87
N LEU A 315 2.70 -15.74 -11.37
CA LEU A 315 2.66 -15.29 -12.76
C LEU A 315 3.72 -15.97 -13.64
N ALA A 316 3.25 -16.79 -14.59
CA ALA A 316 4.12 -17.49 -15.55
C ALA A 316 4.98 -16.49 -16.30
N THR A 317 6.28 -16.78 -16.37
CA THR A 317 7.26 -15.96 -17.10
C THR A 317 8.10 -16.83 -18.03
N GLY A 318 7.51 -17.95 -18.44
CA GLY A 318 8.14 -18.86 -19.38
C GLY A 318 7.15 -19.83 -19.96
N MET A 319 7.55 -20.48 -21.05
CA MET A 319 6.70 -21.44 -21.74
C MET A 319 6.38 -22.67 -20.89
N ARG A 320 5.48 -23.50 -21.37
CA ARG A 320 5.12 -24.73 -20.67
C ARG A 320 6.32 -25.65 -20.57
N ASN A 321 6.52 -26.23 -19.40
CA ASN A 321 7.66 -27.11 -19.16
C ASN A 321 7.35 -28.60 -19.38
N VAL A 322 7.93 -29.17 -20.44
CA VAL A 322 7.65 -30.58 -20.77
C VAL A 322 8.92 -31.45 -20.69
N PRO A 323 9.18 -32.05 -19.51
CA PRO A 323 10.40 -32.81 -19.25
C PRO A 323 10.46 -34.11 -20.06
N GLU A 324 11.67 -34.66 -20.19
CA GLU A 324 11.92 -35.87 -20.98
C GLU A 324 10.90 -36.97 -20.71
N LYS A 325 10.16 -37.34 -21.76
CA LYS A 325 9.22 -38.46 -21.77
C LYS A 325 8.18 -38.28 -22.89
N GLY B 1 -1.78 -26.36 -25.29
CA GLY B 1 -1.64 -25.19 -26.20
C GLY B 1 -2.63 -25.27 -27.35
N ILE B 2 -3.08 -24.11 -27.82
CA ILE B 2 -4.04 -24.01 -28.93
C ILE B 2 -3.45 -24.47 -30.26
N PHE B 3 -2.14 -24.37 -30.40
CA PHE B 3 -1.45 -24.72 -31.64
C PHE B 3 -0.97 -26.16 -31.75
N GLY B 4 -1.01 -26.89 -30.63
CA GLY B 4 -0.63 -28.30 -30.59
C GLY B 4 0.84 -28.58 -30.84
N ALA B 5 1.67 -27.53 -30.82
CA ALA B 5 3.10 -27.66 -31.02
C ALA B 5 3.80 -28.13 -29.74
N ILE B 6 3.92 -27.22 -28.76
CA ILE B 6 4.52 -27.53 -27.44
C ILE B 6 3.63 -28.51 -26.69
N ALA B 7 4.23 -29.61 -26.23
CA ALA B 7 3.50 -30.65 -25.50
C ALA B 7 2.48 -31.36 -26.39
N GLY B 8 2.71 -31.27 -27.70
CA GLY B 8 1.84 -31.88 -28.69
C GLY B 8 2.67 -32.61 -29.72
N PHE B 9 2.82 -32.01 -30.90
CA PHE B 9 3.55 -32.69 -31.98
C PHE B 9 5.04 -32.69 -31.71
N ILE B 10 5.51 -31.68 -31.00
CA ILE B 10 6.86 -31.72 -30.47
C ILE B 10 6.76 -32.46 -29.15
N GLU B 11 7.43 -33.61 -29.12
CA GLU B 11 7.31 -34.57 -28.05
C GLU B 11 7.58 -33.96 -26.67
N ASN B 12 8.70 -33.24 -26.55
CA ASN B 12 9.09 -32.61 -25.29
C ASN B 12 10.22 -31.57 -25.41
N GLY B 13 10.57 -30.94 -24.29
CA GLY B 13 11.57 -29.89 -24.25
C GLY B 13 13.00 -30.40 -24.20
N TRP B 14 13.95 -29.53 -24.53
CA TRP B 14 15.37 -29.87 -24.47
C TRP B 14 16.07 -29.14 -23.33
N GLU B 15 16.42 -29.89 -22.29
CA GLU B 15 17.18 -29.38 -21.14
C GLU B 15 18.58 -29.00 -21.57
N GLY B 16 19.05 -29.63 -22.65
CA GLY B 16 20.38 -29.39 -23.21
C GLY B 16 20.53 -28.02 -23.82
N MET B 17 19.41 -27.36 -24.09
CA MET B 17 19.45 -26.00 -24.61
C MET B 17 19.57 -24.94 -23.51
N VAL B 18 20.80 -24.71 -23.05
CA VAL B 18 21.12 -23.65 -22.10
C VAL B 18 21.34 -22.33 -22.85
N ASP B 19 20.78 -22.27 -24.05
CA ASP B 19 21.26 -21.40 -25.13
C ASP B 19 20.22 -20.37 -25.60
N GLY B 20 18.96 -20.82 -25.65
CA GLY B 20 17.82 -20.04 -26.13
C GLY B 20 16.52 -20.77 -25.80
N TRP B 21 15.39 -20.20 -26.20
CA TRP B 21 14.10 -20.80 -25.89
C TRP B 21 13.61 -21.75 -26.97
N TYR B 22 14.00 -21.46 -28.22
CA TYR B 22 13.60 -22.23 -29.39
C TYR B 22 14.83 -22.48 -30.26
N GLY B 23 14.83 -23.60 -30.97
CA GLY B 23 15.96 -23.91 -31.83
C GLY B 23 15.85 -25.21 -32.59
N PHE B 24 17.00 -25.63 -33.13
CA PHE B 24 17.09 -26.80 -33.99
C PHE B 24 18.12 -27.80 -33.48
N ARG B 25 17.84 -29.07 -33.76
CA ARG B 25 18.85 -30.12 -33.72
C ARG B 25 18.85 -30.81 -35.08
N TYR B 26 20.05 -31.09 -35.59
CA TYR B 26 20.18 -31.65 -36.93
C TYR B 26 21.23 -32.74 -37.00
N GLN B 27 20.97 -33.72 -37.86
CA GLN B 27 21.91 -34.79 -38.16
C GLN B 27 22.23 -34.72 -39.65
N ASN B 28 23.51 -34.59 -39.98
CA ASN B 28 23.94 -34.48 -41.38
C ASN B 28 25.25 -35.22 -41.68
N SER B 29 25.85 -34.91 -42.83
CA SER B 29 27.09 -35.54 -43.25
C SER B 29 28.27 -35.23 -42.31
N GLU B 30 28.20 -34.09 -41.63
CA GLU B 30 29.28 -33.68 -40.72
C GLU B 30 29.07 -34.16 -39.27
N GLY B 31 27.92 -34.77 -39.00
CA GLY B 31 27.60 -35.29 -37.66
C GLY B 31 26.29 -34.73 -37.16
N THR B 32 26.21 -34.50 -35.86
CA THR B 32 24.99 -33.90 -35.28
C THR B 32 25.33 -32.62 -34.51
N GLY B 33 24.46 -31.63 -34.64
CA GLY B 33 24.65 -30.34 -33.98
C GLY B 33 23.35 -29.72 -33.48
N GLN B 34 23.50 -28.62 -32.74
CA GLN B 34 22.35 -27.94 -32.13
C GLN B 34 22.54 -26.43 -32.12
N ALA B 35 21.52 -25.69 -32.54
CA ALA B 35 21.58 -24.23 -32.58
C ALA B 35 20.28 -23.55 -32.15
N ALA B 36 20.39 -22.63 -31.21
CA ALA B 36 19.25 -21.85 -30.72
C ALA B 36 18.85 -20.78 -31.74
N ASP B 37 17.55 -20.56 -31.90
CA ASP B 37 17.05 -19.54 -32.84
C ASP B 37 16.66 -18.28 -32.09
N LEU B 38 17.47 -17.24 -32.27
CA LEU B 38 17.35 -16.03 -31.46
C LEU B 38 16.07 -15.19 -31.68
N LYS B 39 15.67 -14.96 -32.93
CA LYS B 39 14.47 -14.16 -33.23
C LYS B 39 13.22 -14.67 -32.53
N SER B 40 13.01 -15.99 -32.58
CA SER B 40 11.91 -16.64 -31.88
C SER B 40 11.99 -16.42 -30.38
N THR B 41 13.15 -16.76 -29.80
CA THR B 41 13.42 -16.54 -28.39
C THR B 41 13.14 -15.08 -27.99
N GLN B 42 13.59 -14.14 -28.82
CA GLN B 42 13.41 -12.71 -28.55
C GLN B 42 11.94 -12.29 -28.60
N ALA B 43 11.23 -12.75 -29.63
CA ALA B 43 9.81 -12.39 -29.80
C ALA B 43 8.98 -12.78 -28.57
N ALA B 44 9.25 -13.97 -28.03
CA ALA B 44 8.55 -14.48 -26.85
C ALA B 44 8.88 -13.62 -25.64
N ILE B 45 10.18 -13.55 -25.34
CA ILE B 45 10.68 -12.82 -24.18
C ILE B 45 10.16 -11.38 -24.13
N ASP B 46 10.19 -10.71 -25.27
CA ASP B 46 9.70 -9.32 -25.39
C ASP B 46 8.24 -9.19 -24.96
N GLN B 47 7.42 -10.18 -25.29
CA GLN B 47 6.00 -10.19 -24.95
C GLN B 47 5.78 -10.48 -23.46
N ILE B 48 6.67 -11.28 -22.89
CA ILE B 48 6.55 -11.71 -21.50
C ILE B 48 7.12 -10.69 -20.51
N ASN B 49 8.22 -10.04 -20.91
CA ASN B 49 8.80 -8.96 -20.13
C ASN B 49 7.91 -7.74 -20.03
N GLY B 50 7.75 -7.22 -18.81
CA GLY B 50 6.92 -6.03 -18.56
C GLY B 50 5.45 -6.26 -18.85
N LYS B 51 5.07 -7.54 -18.88
CA LYS B 51 3.72 -7.99 -19.16
C LYS B 51 2.71 -7.26 -18.29
N LEU B 52 2.97 -7.30 -16.98
CA LEU B 52 2.03 -6.81 -16.00
C LEU B 52 1.94 -5.29 -16.00
N ASN B 53 2.99 -4.63 -16.45
CA ASN B 53 3.02 -3.17 -16.50
C ASN B 53 2.16 -2.59 -17.62
N ARG B 54 1.56 -3.46 -18.42
CA ARG B 54 0.66 -3.03 -19.47
C ARG B 54 -0.80 -3.03 -18.97
N VAL B 55 -0.99 -3.46 -17.73
CA VAL B 55 -2.32 -3.46 -17.13
C VAL B 55 -2.36 -2.72 -15.79
N ILE B 56 -1.35 -2.97 -14.95
CA ILE B 56 -1.30 -2.39 -13.62
C ILE B 56 -0.45 -1.12 -13.64
N GLU B 57 -1.09 -0.02 -13.26
CA GLU B 57 -0.43 1.29 -13.06
C GLU B 57 0.74 1.18 -12.06
N ARG B 58 1.86 1.80 -12.41
CA ARG B 58 3.01 1.85 -11.51
C ARG B 58 2.50 2.32 -10.13
N THR B 59 2.74 1.51 -9.11
CA THR B 59 2.12 1.68 -7.77
C THR B 59 2.14 3.11 -7.22
N ASN B 60 1.02 3.52 -6.62
CA ASN B 60 0.75 4.93 -6.33
C ASN B 60 0.75 5.30 -4.85
N GLU B 61 1.37 6.44 -4.54
CA GLU B 61 1.36 6.99 -3.18
C GLU B 61 -0.05 7.17 -2.62
N LYS B 62 -0.25 6.75 -1.37
CA LYS B 62 -1.50 7.00 -0.67
C LYS B 62 -1.24 7.21 0.80
N PHE B 63 -1.77 8.31 1.33
CA PHE B 63 -1.43 8.79 2.66
C PHE B 63 -2.54 8.55 3.69
N HIS B 64 -3.13 9.61 4.25
CA HIS B 64 -4.18 9.46 5.25
C HIS B 64 -5.43 8.86 4.61
N GLN B 65 -6.09 7.95 5.30
CA GLN B 65 -7.28 7.26 4.76
C GLN B 65 -8.41 7.16 5.77
N ILE B 66 -9.11 6.03 5.81
CA ILE B 66 -10.08 5.74 6.86
C ILE B 66 -9.51 4.75 7.86
N GLU B 67 -10.16 4.58 8.99
CA GLU B 67 -9.69 3.63 9.98
C GLU B 67 -10.28 2.28 9.64
N LYS B 68 -9.56 1.21 9.96
CA LYS B 68 -9.93 -0.13 9.49
C LYS B 68 -9.94 -1.15 10.63
N GLU B 69 -9.59 -0.67 11.82
CA GLU B 69 -9.60 -1.45 13.07
C GLU B 69 -10.24 -0.59 14.16
N PHE B 70 -11.05 -1.21 15.02
CA PHE B 70 -11.83 -0.46 16.01
C PHE B 70 -11.82 -1.06 17.41
N SER B 71 -11.76 -0.20 18.42
CA SER B 71 -11.81 -0.63 19.82
C SER B 71 -13.24 -0.64 20.32
N GLU B 72 -13.98 0.41 19.97
CA GLU B 72 -15.33 0.58 20.48
C GLU B 72 -16.36 0.03 19.50
N VAL B 73 -17.49 -0.42 20.03
CA VAL B 73 -18.66 -0.79 19.26
C VAL B 73 -19.50 0.49 19.01
N GLU B 74 -19.69 0.88 17.76
CA GLU B 74 -20.33 2.17 17.46
C GLU B 74 -21.62 2.07 16.64
N GLY B 75 -21.72 1.02 15.81
CA GLY B 75 -22.88 0.86 14.93
C GLY B 75 -22.75 1.57 13.59
N ARG B 76 -23.80 2.30 13.24
CA ARG B 76 -24.01 2.84 11.88
C ARG B 76 -22.75 3.24 11.10
N ILE B 77 -21.96 4.18 11.61
CA ILE B 77 -20.78 4.69 10.87
C ILE B 77 -19.69 3.63 10.74
N GLN B 78 -19.39 2.95 11.83
CA GLN B 78 -18.39 1.91 11.81
C GLN B 78 -18.83 0.77 10.89
N ASP B 79 -20.11 0.45 10.92
CA ASP B 79 -20.73 -0.46 9.95
C ASP B 79 -20.35 -0.11 8.52
N LEU B 80 -20.49 1.17 8.17
CA LEU B 80 -20.19 1.68 6.84
C LEU B 80 -18.69 1.63 6.51
N GLU B 81 -17.86 1.99 7.48
CA GLU B 81 -16.41 2.00 7.27
C GLU B 81 -15.90 0.59 6.99
N LYS B 82 -16.44 -0.39 7.71
CA LYS B 82 -16.04 -1.78 7.58
C LYS B 82 -16.49 -2.35 6.24
N TYR B 83 -17.70 -1.99 5.83
CA TYR B 83 -18.27 -2.44 4.58
C TYR B 83 -17.55 -1.82 3.40
N VAL B 84 -17.14 -0.56 3.51
CA VAL B 84 -16.46 0.11 2.39
C VAL B 84 -15.15 -0.61 2.10
N GLU B 85 -14.43 -0.95 3.16
CA GLU B 85 -13.14 -1.58 3.06
C GLU B 85 -13.29 -3.01 2.57
N ASP B 86 -14.27 -3.70 3.13
CA ASP B 86 -14.54 -5.09 2.80
C ASP B 86 -14.87 -5.24 1.32
N THR B 87 -15.65 -4.31 0.82
CA THR B 87 -16.02 -4.23 -0.57
C THR B 87 -14.79 -4.00 -1.45
N LYS B 88 -13.91 -3.08 -1.01
CA LYS B 88 -12.73 -2.73 -1.76
C LYS B 88 -11.80 -3.93 -1.89
N ILE B 89 -11.53 -4.59 -0.78
CA ILE B 89 -10.68 -5.79 -0.75
C ILE B 89 -11.21 -6.93 -1.63
N ASP B 90 -12.50 -7.25 -1.49
CA ASP B 90 -13.10 -8.31 -2.28
C ASP B 90 -13.03 -8.05 -3.79
N LEU B 91 -13.14 -6.78 -4.19
CA LEU B 91 -13.12 -6.40 -5.58
C LEU B 91 -11.73 -6.48 -6.18
N TRP B 92 -10.73 -6.06 -5.41
CA TRP B 92 -9.35 -6.15 -5.84
C TRP B 92 -8.90 -7.60 -5.89
N SER B 93 -9.42 -8.39 -4.95
CA SER B 93 -9.07 -9.80 -4.87
C SER B 93 -9.52 -10.52 -6.12
N TYR B 94 -10.73 -10.20 -6.59
CA TYR B 94 -11.21 -10.70 -7.86
C TYR B 94 -10.26 -10.27 -8.97
N ASN B 95 -9.94 -8.98 -9.03
CA ASN B 95 -9.13 -8.44 -10.11
C ASN B 95 -7.85 -9.21 -10.24
N ALA B 96 -7.20 -9.43 -9.10
CA ALA B 96 -5.90 -10.10 -9.09
C ALA B 96 -6.00 -11.56 -9.56
N GLU B 97 -7.05 -12.26 -9.14
CA GLU B 97 -7.24 -13.66 -9.55
C GLU B 97 -7.44 -13.77 -11.06
N LEU B 98 -8.37 -12.97 -11.59
CA LEU B 98 -8.67 -12.95 -13.02
C LEU B 98 -7.45 -12.54 -13.84
N LEU B 99 -6.71 -11.55 -13.36
CA LEU B 99 -5.54 -11.06 -14.08
C LEU B 99 -4.52 -12.17 -14.28
N VAL B 100 -4.24 -12.92 -13.23
CA VAL B 100 -3.25 -13.98 -13.29
C VAL B 100 -3.69 -15.03 -14.32
N ALA B 101 -4.94 -15.47 -14.20
CA ALA B 101 -5.44 -16.47 -15.13
C ALA B 101 -5.31 -15.99 -16.59
N LEU B 102 -5.73 -14.74 -16.85
CA LEU B 102 -5.65 -14.13 -18.19
C LEU B 102 -4.24 -14.09 -18.73
N GLU B 103 -3.32 -13.58 -17.92
CA GLU B 103 -1.94 -13.44 -18.35
C GLU B 103 -1.26 -14.77 -18.61
N ASN B 104 -1.40 -15.70 -17.67
CA ASN B 104 -0.83 -17.03 -17.83
C ASN B 104 -1.36 -17.73 -19.07
N GLN B 105 -2.67 -17.62 -19.31
CA GLN B 105 -3.29 -18.20 -20.51
C GLN B 105 -2.67 -17.63 -21.76
N HIS B 106 -2.55 -16.31 -21.79
CA HIS B 106 -1.93 -15.60 -22.87
C HIS B 106 -0.48 -16.04 -23.08
N THR B 107 0.27 -16.16 -21.97
CA THR B 107 1.68 -16.55 -22.01
C THR B 107 1.86 -17.92 -22.62
N ILE B 108 1.21 -18.91 -22.02
CA ILE B 108 1.13 -20.25 -22.58
C ILE B 108 0.88 -20.22 -24.09
N ASP B 109 -0.14 -19.47 -24.51
CA ASP B 109 -0.57 -19.49 -25.90
C ASP B 109 0.42 -18.82 -26.84
N LEU B 110 1.09 -17.76 -26.39
CA LEU B 110 2.00 -17.04 -27.30
C LEU B 110 3.32 -17.79 -27.50
N THR B 111 3.67 -18.61 -26.52
CA THR B 111 4.88 -19.42 -26.59
C THR B 111 4.66 -20.62 -27.50
N ASP B 112 3.47 -21.21 -27.42
CA ASP B 112 3.06 -22.28 -28.34
C ASP B 112 3.01 -21.73 -29.77
N ALA B 113 2.58 -20.47 -29.90
CA ALA B 113 2.51 -19.82 -31.20
C ALA B 113 3.90 -19.68 -31.79
N GLU B 114 4.87 -19.23 -30.98
CA GLU B 114 6.23 -18.94 -31.49
C GLU B 114 6.92 -20.20 -31.98
N MET B 115 6.69 -21.31 -31.26
CA MET B 115 7.16 -22.61 -31.67
C MET B 115 6.59 -22.97 -33.03
N ASN B 116 5.27 -22.89 -33.13
CA ASN B 116 4.59 -23.23 -34.37
C ASN B 116 5.04 -22.32 -35.51
N LYS B 117 5.09 -21.02 -35.23
CA LYS B 117 5.52 -20.02 -36.19
C LYS B 117 6.87 -20.36 -36.80
N LEU B 118 7.77 -20.90 -35.97
CA LEU B 118 9.13 -21.22 -36.41
C LEU B 118 9.19 -22.52 -37.22
N PHE B 119 8.45 -23.53 -36.77
CA PHE B 119 8.33 -24.77 -37.53
C PHE B 119 7.80 -24.43 -38.91
N GLU B 120 6.70 -23.67 -38.95
CA GLU B 120 6.03 -23.32 -40.19
C GLU B 120 6.96 -22.58 -41.15
N LYS B 121 7.72 -21.61 -40.60
CA LYS B 121 8.71 -20.82 -41.33
C LYS B 121 9.72 -21.73 -42.05
N THR B 122 10.18 -22.74 -41.32
CA THR B 122 11.14 -23.69 -41.82
C THR B 122 10.50 -24.58 -42.90
N ARG B 123 9.32 -25.12 -42.61
CA ARG B 123 8.61 -25.96 -43.57
C ARG B 123 8.44 -25.24 -44.90
N ARG B 124 8.06 -23.97 -44.83
CA ARG B 124 7.82 -23.16 -46.02
C ARG B 124 9.09 -22.94 -46.85
N GLN B 125 10.22 -22.83 -46.17
CA GLN B 125 11.51 -22.67 -46.85
C GLN B 125 11.90 -23.86 -47.71
N LEU B 126 11.62 -25.06 -47.19
CA LEU B 126 12.08 -26.31 -47.76
C LEU B 126 11.29 -26.75 -48.99
N ARG B 127 9.99 -26.46 -49.01
CA ARG B 127 9.10 -26.87 -50.12
C ARG B 127 9.05 -28.41 -50.25
N GLU B 128 8.72 -28.89 -51.44
CA GLU B 128 8.73 -30.33 -51.76
C GLU B 128 10.09 -31.05 -51.61
N ASN B 129 11.17 -30.30 -51.37
CA ASN B 129 12.48 -30.89 -51.02
C ASN B 129 12.53 -31.64 -49.69
N ALA B 130 11.48 -31.54 -48.89
CA ALA B 130 11.47 -32.16 -47.57
C ALA B 130 10.15 -32.85 -47.20
N GLU B 131 10.10 -33.37 -45.98
CA GLU B 131 9.00 -34.21 -45.54
C GLU B 131 8.69 -33.95 -44.07
N ASP B 132 7.43 -33.62 -43.78
CA ASP B 132 6.98 -33.41 -42.41
C ASP B 132 6.88 -34.75 -41.68
N MET B 133 7.88 -35.07 -40.86
CA MET B 133 7.93 -36.35 -40.15
C MET B 133 6.88 -36.51 -39.05
N GLY B 134 6.34 -35.39 -38.55
CA GLY B 134 5.20 -35.43 -37.64
C GLY B 134 5.53 -35.12 -36.20
N ASP B 135 6.80 -35.27 -35.83
CA ASP B 135 7.26 -34.93 -34.49
C ASP B 135 8.06 -33.64 -34.52
N GLY B 136 7.68 -32.75 -35.43
CA GLY B 136 8.41 -31.51 -35.64
C GLY B 136 9.81 -31.81 -36.16
N CYS B 137 9.89 -32.73 -37.12
CA CYS B 137 11.14 -33.07 -37.81
C CYS B 137 10.96 -33.12 -39.32
N PHE B 138 11.97 -32.63 -40.03
CA PHE B 138 11.96 -32.68 -41.46
C PHE B 138 12.97 -33.69 -41.98
N LYS B 139 12.48 -34.61 -42.80
CA LYS B 139 13.32 -35.47 -43.62
C LYS B 139 13.72 -34.63 -44.83
N ILE B 140 15.01 -34.35 -44.96
CA ILE B 140 15.52 -33.58 -46.09
C ILE B 140 16.14 -34.52 -47.14
N TYR B 141 15.59 -34.48 -48.35
CA TYR B 141 15.92 -35.46 -49.39
C TYR B 141 17.21 -35.18 -50.17
N HIS B 142 18.21 -34.57 -49.53
CA HIS B 142 19.48 -34.28 -50.19
C HIS B 142 20.65 -34.10 -49.20
N LYS B 143 21.86 -34.33 -49.68
CA LYS B 143 23.09 -34.10 -48.90
C LYS B 143 23.12 -32.66 -48.40
N CYS B 144 23.11 -32.50 -47.08
CA CYS B 144 23.01 -31.18 -46.48
C CYS B 144 24.01 -31.02 -45.33
N ASP B 145 25.17 -30.47 -45.67
CA ASP B 145 26.24 -30.20 -44.69
C ASP B 145 25.89 -29.05 -43.73
N ASN B 146 26.85 -28.62 -42.93
CA ASN B 146 26.60 -27.58 -41.92
C ASN B 146 26.33 -26.21 -42.51
N ALA B 147 27.02 -25.89 -43.61
CA ALA B 147 26.76 -24.65 -44.34
C ALA B 147 25.35 -24.65 -44.94
N CYS B 148 24.90 -25.82 -45.37
CA CYS B 148 23.54 -26.04 -45.88
C CYS B 148 22.50 -25.83 -44.77
N ILE B 149 22.69 -26.51 -43.64
CA ILE B 149 21.83 -26.36 -42.47
C ILE B 149 21.81 -24.92 -41.99
N GLU B 150 23.00 -24.35 -41.85
CA GLU B 150 23.16 -22.96 -41.42
C GLU B 150 22.37 -21.98 -42.30
N SER B 151 22.26 -22.29 -43.59
CA SER B 151 21.54 -21.43 -44.52
C SER B 151 20.03 -21.45 -44.28
N ILE B 152 19.51 -22.62 -43.89
CA ILE B 152 18.09 -22.79 -43.55
C ILE B 152 17.76 -21.97 -42.31
N ARG B 153 18.70 -21.95 -41.36
CA ARG B 153 18.60 -21.16 -40.15
C ARG B 153 18.68 -19.66 -40.37
N THR B 154 19.46 -19.22 -41.37
CA THR B 154 19.58 -17.79 -41.67
C THR B 154 18.41 -17.31 -42.54
N GLY B 155 17.69 -18.25 -43.12
CA GLY B 155 16.63 -17.94 -44.07
C GLY B 155 17.14 -17.62 -45.46
N THR B 156 18.35 -18.08 -45.78
CA THR B 156 18.94 -17.89 -47.12
C THR B 156 18.85 -19.13 -48.03
N TYR B 157 18.28 -20.22 -47.50
CA TYR B 157 18.18 -21.51 -48.21
C TYR B 157 17.48 -21.40 -49.56
N ASP B 158 18.08 -21.98 -50.59
CA ASP B 158 17.54 -21.97 -51.95
C ASP B 158 17.21 -23.41 -52.38
N HIS B 159 15.91 -23.70 -52.52
CA HIS B 159 15.46 -25.06 -52.84
C HIS B 159 15.58 -25.41 -54.33
N TYR B 160 15.57 -24.38 -55.20
CA TYR B 160 15.70 -24.59 -56.65
C TYR B 160 17.06 -25.22 -56.96
N ILE B 161 18.05 -24.93 -56.11
CA ILE B 161 19.40 -25.53 -56.18
C ILE B 161 19.38 -27.04 -55.95
N TYR B 162 18.51 -27.49 -55.05
CA TYR B 162 18.47 -28.89 -54.61
C TYR B 162 17.30 -29.68 -55.20
N ARG B 163 16.40 -28.98 -55.90
CA ARG B 163 15.18 -29.61 -56.42
C ARG B 163 15.48 -30.92 -57.14
N ASP B 164 16.27 -30.84 -58.22
CA ASP B 164 16.63 -32.00 -59.02
C ASP B 164 17.10 -33.17 -58.17
N GLU B 165 18.13 -32.93 -57.35
CA GLU B 165 18.67 -33.94 -56.44
C GLU B 165 17.63 -34.54 -55.49
N ALA B 166 16.81 -33.67 -54.88
CA ALA B 166 15.78 -34.11 -53.94
C ALA B 166 14.84 -35.10 -54.61
N LEU B 167 14.33 -34.70 -55.77
CA LEU B 167 13.43 -35.52 -56.59
C LEU B 167 13.97 -36.94 -56.82
N ASN B 168 15.26 -37.02 -57.16
CA ASN B 168 15.92 -38.30 -57.39
C ASN B 168 15.80 -39.23 -56.19
N ASN B 169 16.23 -38.72 -55.03
CA ASN B 169 16.22 -39.47 -53.77
C ASN B 169 14.80 -39.78 -53.30
N ARG B 170 13.89 -38.87 -53.60
CA ARG B 170 12.48 -39.02 -53.26
C ARG B 170 11.85 -40.09 -54.16
N PHE B 171 11.93 -39.88 -55.47
CA PHE B 171 11.25 -40.74 -56.42
C PHE B 171 12.09 -41.93 -56.91
N GLN B 172 13.04 -42.35 -56.10
CA GLN B 172 13.70 -43.64 -56.28
C GLN B 172 12.68 -44.77 -56.23
N SER B 173 11.55 -44.53 -55.57
CA SER B 173 10.59 -45.54 -55.12
C SER B 173 9.48 -45.90 -56.12
N GLY B 174 8.63 -46.85 -55.72
CA GLY B 174 7.58 -47.43 -56.57
C GLY B 174 7.82 -48.90 -56.86
N ARG B 175 6.80 -49.75 -56.62
CA ARG B 175 6.89 -51.19 -56.88
C ARG B 175 5.61 -51.70 -57.52
C1 NAG C . 7.06 5.24 29.54
C2 NAG C . 8.40 5.95 29.60
C3 NAG C . 9.39 5.07 30.36
C4 NAG C . 8.88 4.72 31.75
C5 NAG C . 7.36 4.47 31.84
C6 NAG C . 6.87 5.00 33.19
C7 NAG C . 9.30 7.50 27.99
C8 NAG C . 9.89 7.74 26.63
N2 NAG C . 8.96 6.26 28.30
O3 NAG C . 10.59 5.79 30.50
O4 NAG C . 9.61 3.58 32.20
O5 NAG C . 6.56 5.13 30.85
O6 NAG C . 5.54 4.58 33.42
O7 NAG C . 9.15 8.45 28.78
C1 NAG C . 9.83 3.62 33.63
C2 NAG C . 9.97 2.22 34.22
C3 NAG C . 10.50 2.26 35.65
C4 NAG C . 10.50 3.64 36.33
C5 NAG C . 10.71 4.84 35.38
C6 NAG C . 11.90 5.70 35.81
C7 NAG C . 8.46 0.44 33.45
C8 NAG C . 7.07 -0.11 33.50
N2 NAG C . 8.68 1.54 34.16
O3 NAG C . 11.80 1.71 35.70
O4 NAG C . 9.27 3.81 37.01
O5 NAG C . 10.91 4.42 34.04
O6 NAG C . 12.00 6.81 34.95
O7 NAG C . 9.31 -0.13 32.77
C1 NAG D . 12.74 -16.39 -13.58
C2 NAG D . 14.26 -16.24 -13.51
C3 NAG D . 14.70 -15.70 -12.15
C4 NAG D . 13.86 -14.48 -11.82
C5 NAG D . 12.40 -14.98 -11.75
C6 NAG D . 11.39 -14.02 -11.14
C7 NAG D . 15.36 -17.96 -14.87
C8 NAG D . 15.89 -19.37 -14.87
N2 NAG D . 14.83 -17.57 -13.72
O3 NAG D . 16.08 -15.40 -12.15
O4 NAG D . 14.34 -13.82 -10.66
O5 NAG D . 12.02 -15.29 -13.07
O6 NAG D . 10.60 -13.44 -12.15
O7 NAG D . 15.44 -17.26 -15.88
C1 NAG D . 14.12 -12.39 -10.75
C2 NAG D . 14.50 -11.75 -9.40
C3 NAG D . 14.78 -10.23 -9.47
C4 NAG D . 15.39 -9.79 -10.81
C5 NAG D . 14.50 -10.36 -11.93
C6 NAG D . 14.74 -9.82 -13.34
C7 NAG D . 13.54 -12.57 -7.24
C8 NAG D . 12.27 -12.78 -6.46
N2 NAG D . 13.41 -12.04 -8.46
O3 NAG D . 15.63 -9.88 -8.39
O4 NAG D . 15.52 -8.39 -10.90
O5 NAG D . 14.72 -11.76 -11.88
O6 NAG D . 16.12 -9.71 -13.61
O7 NAG D . 14.62 -12.87 -6.73
C1 BMA D . 16.89 -7.98 -10.62
C2 BMA D . 17.35 -6.87 -11.58
C3 BMA D . 18.80 -6.49 -11.27
C4 BMA D . 19.00 -6.17 -9.79
C5 BMA D . 18.46 -7.30 -8.90
C6 BMA D . 18.59 -6.98 -7.40
O2 BMA D . 16.51 -5.71 -11.45
O3 BMA D . 19.21 -5.37 -12.08
O4 BMA D . 20.40 -5.96 -9.53
O5 BMA D . 17.08 -7.58 -9.25
O6 BMA D . 17.33 -6.62 -6.80
C1 NAG E . -17.64 41.72 22.84
C2 NAG E . -18.68 42.82 22.97
C3 NAG E . -19.07 43.32 21.57
C4 NAG E . -17.85 43.65 20.72
C5 NAG E . -16.74 42.60 20.82
C6 NAG E . -15.44 43.01 20.14
C7 NAG E . -20.16 42.88 24.94
C8 NAG E . -19.37 44.03 25.51
N2 NAG E . -19.81 42.35 23.75
O3 NAG E . -19.81 44.51 21.71
O4 NAG E . -18.30 43.76 19.38
O5 NAG E . -16.51 42.27 22.18
O6 NAG E . -14.64 43.84 20.96
O7 NAG E . -21.12 42.44 25.58
C1 NAG E . -17.97 45.05 18.85
C2 NAG E . -17.94 44.94 17.33
C3 NAG E . -17.57 46.29 16.75
C4 NAG E . -18.53 47.37 17.25
C5 NAG E . -18.54 47.36 18.78
C6 NAG E . -19.56 48.33 19.33
C7 NAG E . -17.37 42.69 16.59
C8 NAG E . -16.26 41.77 16.20
N2 NAG E . -16.99 43.93 16.93
O3 NAG E . -17.61 46.16 15.34
O4 NAG E . -18.22 48.67 16.78
O5 NAG E . -18.84 46.07 19.27
O6 NAG E . -19.58 48.16 20.73
O7 NAG E . -18.54 42.30 16.60
C1 BMA E . -19.04 48.98 15.64
C2 BMA E . -19.29 50.48 15.51
C3 BMA E . -19.85 50.90 14.12
C4 BMA E . -19.24 50.09 12.98
C5 BMA E . -19.21 48.59 13.32
C6 BMA E . -18.61 47.75 12.20
O2 BMA E . -18.09 51.21 15.80
O3 BMA E . -19.60 52.29 13.81
O4 BMA E . -19.97 50.29 11.77
O5 BMA E . -18.39 48.47 14.47
O6 BMA E . -17.44 48.38 11.66
C1 MAN E . -20.40 53.21 14.60
C2 MAN E . -20.91 54.39 13.74
C3 MAN E . -20.09 55.70 13.85
C4 MAN E . -19.47 55.87 15.24
C5 MAN E . -18.71 54.58 15.57
C6 MAN E . -17.76 54.68 16.77
O2 MAN E . -22.26 54.66 14.05
O3 MAN E . -20.89 56.82 13.55
O4 MAN E . -18.66 57.02 15.28
O5 MAN E . -19.69 53.59 15.78
O6 MAN E . -18.51 54.89 17.95
C1 MAN E . -16.87 47.56 10.61
C2 MAN E . -15.36 47.48 10.81
C3 MAN E . -14.55 48.56 10.04
C4 MAN E . -15.34 49.63 9.26
C5 MAN E . -16.85 49.36 9.09
C6 MAN E . -17.35 49.78 7.71
O2 MAN E . -14.92 46.17 10.47
O3 MAN E . -13.62 47.94 9.17
O4 MAN E . -15.13 50.88 9.88
O5 MAN E . -17.19 48.01 9.31
O6 MAN E . -18.69 50.19 7.79
C1 NAG F . -8.57 17.16 52.39
C2 NAG F . -9.66 16.28 51.77
C3 NAG F . -9.53 16.26 50.25
C4 NAG F . -9.33 17.67 49.64
C5 NAG F . -8.39 18.54 50.49
C6 NAG F . -8.35 20.02 50.09
C7 NAG F . -10.71 14.25 52.65
C8 NAG F . -10.50 12.83 53.12
N2 NAG F . -9.61 14.92 52.26
O1 NAG F . -8.70 17.18 53.80
O3 NAG F . -10.68 15.59 49.80
O4 NAG F . -8.82 17.52 48.32
O5 NAG F . -8.73 18.47 51.86
O6 NAG F . -9.62 20.62 50.23
O7 NAG F . -11.84 14.73 52.64
C1 GAL F . -9.44 18.41 47.37
C2 GAL F . -8.63 18.36 46.07
C3 GAL F . -9.28 19.17 44.96
C4 GAL F . -10.75 18.82 44.85
C5 GAL F . -11.38 19.08 46.21
C6 GAL F . -12.91 19.08 46.12
O2 GAL F . -7.34 18.90 46.28
O3 GAL F . -8.65 18.85 43.75
O4 GAL F . -10.89 17.46 44.51
O5 GAL F . -10.82 18.15 47.13
O6 GAL F . -13.45 18.00 46.85
C1 SIA F . -6.97 19.12 42.18
C2 SIA F . -7.80 19.88 43.20
C3 SIA F . -6.98 21.10 43.64
C4 SIA F . -6.81 22.05 42.44
C5 SIA F . -8.16 22.54 41.94
C6 SIA F . -8.96 21.28 41.57
C7 SIA F . -10.36 21.56 41.00
C8 SIA F . -11.18 20.28 40.78
C9 SIA F . -12.34 20.56 39.85
C10 SIA F . -8.49 24.52 40.48
C11 SIA F . -9.43 25.13 41.47
N5 SIA F . -7.95 23.34 40.76
O1A SIA F . -6.00 18.46 42.63
O1B SIA F . -7.26 19.14 40.96
O4 SIA F . -5.94 23.13 42.73
O6 SIA F . -9.05 20.38 42.68
O7 SIA F . -11.07 22.44 41.87
O8 SIA F . -10.36 19.23 40.25
O9 SIA F . -13.18 19.39 39.67
O10 SIA F . -8.22 25.09 39.44
C1 FUC F . -10.55 15.01 48.50
C2 FUC F . -11.64 14.03 48.12
C3 FUC F . -11.78 14.25 46.62
C4 FUC F . -10.43 14.01 45.93
C5 FUC F . -9.21 14.58 46.70
C6 FUC F . -7.87 13.99 46.23
O2 FUC F . -12.86 14.28 48.78
O3 FUC F . -12.80 13.42 46.12
O4 FUC F . -10.28 12.62 45.70
O5 FUC F . -9.33 14.42 48.12
C1 NAG G . 16.50 -21.86 -11.31
C2 NAG G . 15.66 -20.87 -10.50
C3 NAG G . 16.25 -19.47 -10.67
C4 NAG G . 17.73 -19.47 -10.21
C5 NAG G . 18.52 -20.58 -10.94
C6 NAG G . 19.98 -20.71 -10.49
C7 NAG G . 13.22 -21.00 -9.98
C8 NAG G . 13.53 -20.92 -8.50
N2 NAG G . 14.24 -20.97 -10.85
O3 NAG G . 15.52 -18.49 -9.97
O4 NAG G . 18.28 -18.18 -10.42
O5 NAG G . 17.85 -21.84 -10.85
O6 NAG G . 20.11 -21.38 -9.24
O7 NAG G . 12.05 -21.08 -10.33
C1 NAG H . -0.24 -8.19 11.10
C2 NAG H . -0.25 -9.73 11.08
C3 NAG H . -1.55 -10.37 11.62
C4 NAG H . -2.18 -9.60 12.79
C5 NAG H . -2.15 -8.10 12.51
C6 NAG H . -2.76 -7.26 13.63
C7 NAG H . 1.18 -10.79 9.31
C8 NAG H . 1.20 -11.23 7.87
N2 NAG H . 0.03 -10.24 9.73
O3 NAG H . -1.28 -11.69 12.02
O4 NAG H . -3.51 -10.06 13.00
O5 NAG H . -0.82 -7.68 12.30
O6 NAG H . -2.77 -5.92 13.20
O7 NAG H . 2.17 -10.97 10.02
S SO4 I . -1.45 -29.75 -21.73
O1 SO4 I . -0.49 -28.63 -21.96
O2 SO4 I . -1.14 -30.42 -20.45
O3 SO4 I . -1.34 -30.72 -22.85
O4 SO4 I . -2.83 -29.20 -21.66
S SO4 J . 3.35 24.71 34.92
O1 SO4 J . 3.83 26.09 35.21
O2 SO4 J . 4.52 23.80 34.89
O3 SO4 J . 2.67 24.72 33.59
O4 SO4 J . 2.38 24.26 35.96
S SO4 K . 17.74 -33.03 -23.97
O1 SO4 K . 18.93 -32.16 -24.19
O2 SO4 K . 18.17 -34.42 -23.65
O3 SO4 K . 16.95 -33.04 -25.21
O4 SO4 K . 16.94 -32.53 -22.84
#